data_4KTG
#
_entry.id   4KTG
#
_cell.length_a   91.088
_cell.length_b   91.088
_cell.length_c   148.030
_cell.angle_alpha   90.000
_cell.angle_beta   90.000
_cell.angle_gamma   120.000
#
_symmetry.space_group_name_H-M   'H 3 2'
#
loop_
_entity.id
_entity.type
_entity.pdbx_description
1 polymer 'RNA silencing suppressor p19'
2 polymer "5'-R(P*GP*CP*GP*GP*CP*GP*GP*CP*GP*GP*CP*GP*GP*CP*GP*GP*CP*GP*C)-3'"
3 non-polymer 'SULFATE ION'
4 water water
#
loop_
_entity_poly.entity_id
_entity_poly.type
_entity_poly.pdbx_seq_one_letter_code
_entity_poly.pdbx_strand_id
1 'polypeptide(L)'
;GSHMTSPFKLPDESPSWTEWRLHNDETNSNQDNPLGFKESWGFGKVVFKRYLRYDRTEASLHRVLGSWTGDSVNYAASRF
FGFDQIGCTYSIRFRGVSITVSGGSRTLQHLCEMAIRSKQELLQLAP
;
A
2 'polyribonucleotide' GCGGCGGCGGCGGCGGCGC B,E
#
loop_
_chem_comp.id
_chem_comp.type
_chem_comp.name
_chem_comp.formula
C RNA linking CYTIDINE-5'-MONOPHOSPHATE 'C9 H14 N3 O8 P'
G RNA linking GUANOSINE-5'-MONOPHOSPHATE 'C10 H14 N5 O8 P'
SO4 non-polymer 'SULFATE ION' 'O4 S -2'
#
# COMPACT_ATOMS: atom_id res chain seq x y z
N MET A 4 -3.91 -14.87 -9.54
CA MET A 4 -3.04 -13.76 -10.07
C MET A 4 -1.84 -13.58 -9.15
N THR A 5 -0.71 -13.08 -9.65
CA THR A 5 0.48 -12.93 -8.83
C THR A 5 0.48 -11.53 -8.23
N SER A 6 0.62 -11.47 -6.93
CA SER A 6 0.40 -10.22 -6.22
C SER A 6 1.65 -9.36 -6.28
N PRO A 7 1.52 -8.02 -6.26
CA PRO A 7 2.69 -7.20 -6.00
C PRO A 7 3.23 -7.20 -4.56
N PHE A 8 2.46 -7.73 -3.61
CA PHE A 8 2.83 -7.71 -2.16
C PHE A 8 3.61 -8.89 -1.68
N LYS A 9 4.46 -8.66 -0.71
CA LYS A 9 5.33 -9.65 -0.15
C LYS A 9 4.95 -10.04 1.32
N LEU A 10 3.90 -9.45 1.85
CA LEU A 10 3.40 -9.74 3.16
C LEU A 10 1.92 -10.05 2.92
N PRO A 11 1.33 -10.93 3.72
CA PRO A 11 -0.07 -11.18 3.54
C PRO A 11 -0.96 -10.09 4.13
N ASP A 12 -2.24 -10.10 3.77
CA ASP A 12 -3.18 -9.22 4.35
C ASP A 12 -3.39 -9.40 5.81
N GLU A 13 -3.72 -8.33 6.53
CA GLU A 13 -3.95 -8.36 7.97
C GLU A 13 -5.21 -7.66 8.38
N SER A 14 -6.23 -7.73 7.53
CA SER A 14 -7.47 -7.02 7.86
C SER A 14 -8.03 -7.52 9.19
N PRO A 15 -8.45 -6.63 10.08
CA PRO A 15 -9.09 -7.09 11.33
C PRO A 15 -10.50 -7.58 11.08
N SER A 16 -10.91 -8.65 11.77
CA SER A 16 -12.31 -9.01 11.83
C SER A 16 -13.14 -7.82 12.38
N TRP A 17 -14.43 -7.88 12.14
CA TRP A 17 -15.33 -6.91 12.75
C TRP A 17 -15.21 -6.85 14.24
N THR A 18 -15.16 -8.00 14.91
CA THR A 18 -14.97 -7.98 16.37
C THR A 18 -13.68 -7.36 16.84
N GLU A 19 -12.56 -7.72 16.20
CA GLU A 19 -11.29 -7.17 16.65
C GLU A 19 -11.34 -5.64 16.52
N TRP A 20 -11.90 -5.17 15.43
CA TRP A 20 -12.00 -3.71 15.20
C TRP A 20 -12.85 -3.00 16.28
N ARG A 21 -13.98 -3.59 16.61
CA ARG A 21 -14.80 -3.08 17.76
C ARG A 21 -14.06 -3.01 19.07
N LEU A 22 -13.38 -4.13 19.40
CA LEU A 22 -12.62 -4.11 20.62
C LEU A 22 -11.62 -3.02 20.60
N HIS A 23 -10.92 -2.83 19.48
CA HIS A 23 -9.88 -1.80 19.39
C HIS A 23 -10.51 -0.40 19.57
N ASN A 24 -11.67 -0.24 18.95
CA ASN A 24 -12.46 1.02 19.11
C ASN A 24 -12.86 1.32 20.54
N ASP A 25 -13.30 0.29 21.26
CA ASP A 25 -13.73 0.43 22.67
C ASP A 25 -12.59 0.68 23.61
N GLU A 26 -11.36 0.45 23.19
CA GLU A 26 -10.27 0.57 24.13
C GLU A 26 -9.34 1.69 23.76
N THR A 27 -9.57 2.35 22.63
CA THR A 27 -8.88 3.58 22.29
C THR A 27 -9.99 4.64 22.04
N GLN A 31 -8.54 8.47 11.31
CA GLN A 31 -8.31 7.43 12.35
C GLN A 31 -7.51 8.01 13.58
N ASP A 32 -6.19 8.09 13.48
CA ASP A 32 -5.21 8.58 14.54
C ASP A 32 -4.40 7.57 15.37
N ASN A 33 -5.06 6.62 16.03
CA ASN A 33 -4.41 5.36 16.48
C ASN A 33 -5.15 4.14 15.98
N PRO A 34 -5.27 4.03 14.67
CA PRO A 34 -5.92 2.86 14.10
C PRO A 34 -5.01 1.63 14.25
N LEU A 35 -5.52 0.47 13.89
CA LEU A 35 -4.69 -0.76 13.97
C LEU A 35 -3.60 -0.75 12.95
N GLY A 36 -3.86 -0.07 11.80
CA GLY A 36 -2.93 -0.06 10.72
C GLY A 36 -3.36 0.90 9.59
N PHE A 37 -2.94 0.53 8.39
CA PHE A 37 -3.17 1.39 7.19
C PHE A 37 -3.55 0.50 6.07
N LYS A 38 -4.12 1.13 5.06
CA LYS A 38 -4.54 0.41 3.89
C LYS A 38 -3.76 0.88 2.67
N GLU A 39 -3.35 -0.07 1.81
CA GLU A 39 -2.63 0.27 0.60
C GLU A 39 -3.12 -0.62 -0.48
N SER A 40 -2.98 -0.13 -1.69
CA SER A 40 -3.34 -0.91 -2.87
C SER A 40 -2.56 -0.59 -4.12
N TRP A 41 -2.37 -1.58 -4.98
CA TRP A 41 -1.72 -1.44 -6.31
C TRP A 41 -2.73 -1.87 -7.38
N GLY A 42 -2.98 -0.99 -8.37
CA GLY A 42 -3.92 -1.23 -9.49
C GLY A 42 -3.16 -1.23 -10.82
N PHE A 43 -3.37 -2.22 -11.68
CA PHE A 43 -2.78 -2.33 -13.02
C PHE A 43 -3.91 -2.62 -14.02
N GLY A 44 -4.25 -1.67 -14.87
CA GLY A 44 -5.43 -1.78 -15.74
C GLY A 44 -6.58 -1.95 -14.80
N LYS A 45 -7.36 -3.03 -14.94
CA LYS A 45 -8.57 -3.14 -14.13
C LYS A 45 -8.42 -4.08 -12.92
N VAL A 46 -7.25 -4.55 -12.66
CA VAL A 46 -7.02 -5.44 -11.53
C VAL A 46 -6.40 -4.64 -10.36
N VAL A 47 -6.95 -4.82 -9.17
CA VAL A 47 -6.47 -4.15 -7.99
C VAL A 47 -6.14 -5.15 -6.88
N PHE A 48 -4.99 -4.99 -6.25
CA PHE A 48 -4.53 -5.81 -5.15
C PHE A 48 -4.52 -4.91 -3.93
N LYS A 49 -4.93 -5.40 -2.76
CA LYS A 49 -5.16 -4.57 -1.58
C LYS A 49 -4.57 -5.20 -0.35
N ARG A 50 -4.14 -4.40 0.60
CA ARG A 50 -3.59 -4.88 1.87
C ARG A 50 -3.99 -3.91 2.95
N TYR A 51 -4.45 -4.47 4.09
CA TYR A 51 -4.45 -3.81 5.40
C TYR A 51 -3.28 -4.40 6.19
N LEU A 52 -2.39 -3.53 6.66
CA LEU A 52 -1.20 -3.92 7.41
C LEU A 52 -1.13 -3.21 8.76
N ARG A 53 -0.75 -3.94 9.82
CA ARG A 53 -0.67 -3.42 11.13
C ARG A 53 0.51 -2.54 11.23
N TYR A 54 0.33 -1.43 11.92
CA TYR A 54 1.35 -0.42 12.03
C TYR A 54 1.21 0.32 13.35
N ASP A 55 2.26 0.37 14.14
CA ASP A 55 2.11 1.02 15.47
C ASP A 55 3.02 2.22 15.69
N ARG A 56 3.63 2.70 14.60
CA ARG A 56 4.38 3.92 14.56
C ARG A 56 5.76 3.82 15.21
N THR A 57 6.27 2.62 15.37
CA THR A 57 7.63 2.44 15.82
C THR A 57 8.49 2.26 14.67
N GLU A 58 9.78 2.36 14.91
CA GLU A 58 10.74 2.13 13.87
C GLU A 58 10.76 0.70 13.35
N ALA A 59 10.62 -0.28 14.24
CA ALA A 59 10.64 -1.70 13.80
C ALA A 59 9.43 -1.92 12.87
N SER A 60 8.31 -1.40 13.28
CA SER A 60 7.05 -1.59 12.51
C SER A 60 7.11 -0.89 11.18
N LEU A 61 7.63 0.34 11.15
CA LEU A 61 7.86 1.03 9.86
C LEU A 61 8.74 0.24 8.90
N HIS A 62 9.84 -0.29 9.43
CA HIS A 62 10.70 -1.11 8.67
C HIS A 62 9.94 -2.33 8.08
N ARG A 63 9.14 -2.97 8.95
CA ARG A 63 8.40 -4.20 8.50
C ARG A 63 7.46 -3.83 7.33
N VAL A 64 6.61 -2.83 7.55
CA VAL A 64 5.56 -2.51 6.52
C VAL A 64 6.11 -1.87 5.26
N LEU A 65 7.28 -1.23 5.31
CA LEU A 65 7.95 -0.82 4.09
C LEU A 65 8.44 -1.99 3.24
N GLY A 66 8.60 -3.17 3.86
CA GLY A 66 8.91 -4.39 3.08
C GLY A 66 7.73 -5.04 2.35
N SER A 67 6.54 -4.45 2.37
CA SER A 67 5.38 -5.13 1.83
C SER A 67 5.37 -5.21 0.33
N TRP A 68 6.10 -4.31 -0.33
CA TRP A 68 6.35 -4.34 -1.77
C TRP A 68 7.63 -3.64 -2.11
N THR A 69 8.21 -4.01 -3.23
CA THR A 69 9.41 -3.40 -3.81
C THR A 69 9.18 -3.06 -5.25
N GLY A 70 10.08 -2.27 -5.83
CA GLY A 70 9.96 -1.97 -7.30
C GLY A 70 9.98 -3.27 -8.13
N ASP A 71 10.79 -4.23 -7.70
CA ASP A 71 10.83 -5.52 -8.37
C ASP A 71 9.61 -6.38 -8.18
N SER A 72 8.98 -6.42 -7.01
CA SER A 72 7.69 -7.15 -6.85
C SER A 72 6.55 -6.51 -7.60
N VAL A 73 6.50 -5.16 -7.60
CA VAL A 73 5.54 -4.45 -8.36
C VAL A 73 5.69 -4.67 -9.85
N ASN A 74 6.96 -4.71 -10.31
CA ASN A 74 7.19 -4.87 -11.75
C ASN A 74 6.84 -6.32 -12.24
N TYR A 75 7.14 -7.29 -11.41
CA TYR A 75 6.81 -8.65 -11.73
C TYR A 75 5.31 -8.79 -11.82
N ALA A 76 4.58 -8.29 -10.84
CA ALA A 76 3.11 -8.35 -10.87
C ALA A 76 2.46 -7.60 -12.05
N ALA A 77 2.95 -6.40 -12.33
CA ALA A 77 2.33 -5.53 -13.30
C ALA A 77 2.57 -6.00 -14.73
N SER A 78 3.67 -6.64 -14.91
CA SER A 78 4.11 -7.02 -16.24
C SER A 78 3.30 -8.17 -16.84
N ARG A 79 2.50 -8.81 -15.98
CA ARG A 79 1.55 -9.83 -16.41
C ARG A 79 0.49 -9.23 -17.29
N PHE A 80 0.24 -7.95 -17.07
CA PHE A 80 -0.86 -7.23 -17.68
C PHE A 80 -0.38 -6.31 -18.85
N PHE A 81 0.91 -6.35 -19.20
CA PHE A 81 1.50 -5.43 -20.20
C PHE A 81 1.34 -5.96 -21.62
N GLY A 82 1.41 -5.03 -22.55
CA GLY A 82 1.50 -5.37 -23.96
C GLY A 82 1.97 -4.14 -24.74
N PHE A 83 1.56 -4.11 -26.03
CA PHE A 83 1.87 -2.98 -26.93
C PHE A 83 1.34 -1.64 -26.35
N ASP A 84 0.02 -1.48 -26.21
CA ASP A 84 -0.51 -0.31 -25.50
C ASP A 84 -0.10 -0.20 -23.99
N GLN A 85 -0.20 1.05 -23.52
CA GLN A 85 0.13 1.41 -22.16
C GLN A 85 -1.11 1.17 -21.37
N ILE A 86 -0.95 0.72 -20.12
CA ILE A 86 -2.11 0.69 -19.19
C ILE A 86 -1.87 1.61 -17.96
N GLY A 87 -2.93 1.97 -17.28
CA GLY A 87 -2.83 2.80 -16.09
C GLY A 87 -2.38 2.00 -14.90
N CYS A 88 -1.47 2.58 -14.13
CA CYS A 88 -1.00 1.97 -12.89
C CYS A 88 -1.19 2.96 -11.76
N THR A 89 -1.70 2.49 -10.62
CA THR A 89 -1.97 3.32 -9.51
C THR A 89 -1.57 2.69 -8.16
N TYR A 90 -0.91 3.45 -7.32
CA TYR A 90 -0.66 3.07 -5.93
C TYR A 90 -1.48 3.99 -5.06
N SER A 91 -2.20 3.44 -4.09
CA SER A 91 -2.96 4.21 -3.09
C SER A 91 -2.60 3.78 -1.67
N ILE A 92 -2.57 4.72 -0.76
CA ILE A 92 -2.37 4.47 0.63
C ILE A 92 -3.24 5.41 1.44
N ARG A 93 -3.83 4.92 2.54
CA ARG A 93 -4.58 5.74 3.42
C ARG A 93 -4.23 5.50 4.89
N PHE A 94 -4.04 6.56 5.66
CA PHE A 94 -3.65 6.48 7.05
C PHE A 94 -4.06 7.76 7.73
N ARG A 95 -4.77 7.60 8.81
CA ARG A 95 -5.27 8.71 9.67
C ARG A 95 -6.04 9.83 8.95
N GLY A 96 -6.97 9.47 8.09
CA GLY A 96 -7.75 10.43 7.43
C GLY A 96 -7.18 11.04 6.13
N VAL A 97 -5.96 10.63 5.73
CA VAL A 97 -5.28 11.12 4.57
C VAL A 97 -5.06 9.99 3.59
N SER A 98 -5.51 10.21 2.36
CA SER A 98 -5.28 9.34 1.17
C SER A 98 -4.31 9.94 0.18
N ILE A 99 -3.30 9.18 -0.25
CA ILE A 99 -2.36 9.58 -1.30
C ILE A 99 -2.45 8.57 -2.38
N THR A 100 -2.64 9.05 -3.63
CA THR A 100 -2.63 8.21 -4.80
C THR A 100 -1.53 8.69 -5.71
N VAL A 101 -0.75 7.75 -6.19
CA VAL A 101 0.35 7.91 -7.16
C VAL A 101 -0.04 7.19 -8.42
N SER A 102 -0.19 7.90 -9.54
CA SER A 102 -0.73 7.26 -10.75
C SER A 102 -0.08 7.69 -12.05
N GLY A 103 -0.08 6.78 -13.02
CA GLY A 103 0.50 7.11 -14.31
C GLY A 103 0.46 5.90 -15.21
N GLY A 104 1.17 5.94 -16.33
CA GLY A 104 1.07 4.83 -17.28
C GLY A 104 2.11 3.88 -16.98
N SER A 105 2.01 2.65 -17.52
CA SER A 105 3.02 1.65 -17.22
C SER A 105 4.36 1.92 -17.72
N ARG A 106 4.45 2.74 -18.75
CA ARG A 106 5.77 3.15 -19.21
C ARG A 106 6.49 3.88 -18.15
N THR A 107 5.79 4.52 -17.22
CA THR A 107 6.48 5.25 -16.15
C THR A 107 6.58 4.51 -14.79
N LEU A 108 6.44 3.19 -14.79
CA LEU A 108 6.22 2.46 -13.53
C LEU A 108 7.35 2.62 -12.57
N GLN A 109 8.57 2.74 -13.08
CA GLN A 109 9.71 2.79 -12.21
C GLN A 109 9.63 4.11 -11.38
N HIS A 110 9.24 5.22 -12.00
CA HIS A 110 9.04 6.48 -11.30
C HIS A 110 7.86 6.43 -10.42
N LEU A 111 6.77 5.79 -10.84
CA LEU A 111 5.65 5.65 -9.96
C LEU A 111 6.05 4.90 -8.68
N CYS A 112 6.87 3.83 -8.79
CA CYS A 112 7.26 3.12 -7.59
C CYS A 112 8.11 4.01 -6.65
N GLU A 113 8.97 4.83 -7.26
CA GLU A 113 9.88 5.74 -6.47
C GLU A 113 9.04 6.76 -5.70
N MET A 114 8.06 7.34 -6.37
CA MET A 114 7.21 8.29 -5.64
C MET A 114 6.29 7.56 -4.67
N ALA A 115 5.86 6.35 -5.02
CA ALA A 115 4.94 5.60 -4.10
C ALA A 115 5.64 5.27 -2.78
N ILE A 116 6.85 4.77 -2.85
CA ILE A 116 7.59 4.40 -1.63
C ILE A 116 7.89 5.61 -0.74
N ARG A 117 8.24 6.71 -1.37
CA ARG A 117 8.44 7.99 -0.63
C ARG A 117 7.15 8.48 -0.03
N SER A 118 6.04 8.40 -0.78
CA SER A 118 4.75 8.88 -0.25
C SER A 118 4.38 8.00 1.02
N LYS A 119 4.59 6.69 0.89
CA LYS A 119 4.29 5.77 1.97
C LYS A 119 5.07 6.14 3.21
N GLN A 120 6.35 6.30 3.07
CA GLN A 120 7.21 6.62 4.22
C GLN A 120 6.81 7.91 4.90
N GLU A 121 6.54 8.93 4.07
CA GLU A 121 6.14 10.23 4.62
C GLU A 121 4.81 10.22 5.33
N LEU A 122 3.83 9.51 4.76
CA LEU A 122 2.54 9.46 5.37
C LEU A 122 2.61 8.68 6.74
N LEU A 123 3.32 7.54 6.71
CA LEU A 123 3.39 6.73 7.93
C LEU A 123 4.20 7.46 9.01
N GLN A 124 5.04 8.39 8.63
CA GLN A 124 5.77 9.19 9.63
C GLN A 124 5.18 10.57 9.93
N LEU A 125 4.01 10.85 9.42
CA LEU A 125 3.28 12.09 9.63
C LEU A 125 3.29 12.40 11.10
N ALA A 126 3.74 13.60 11.47
CA ALA A 126 3.71 14.05 12.87
C ALA A 126 2.29 13.92 13.44
N PRO A 127 2.19 13.47 14.69
CA PRO A 127 0.89 13.11 15.21
C PRO A 127 -0.11 14.29 15.20
S SO4 D . -3.40 -10.99 -3.39
O1 SO4 D . -2.93 -9.62 -3.30
O2 SO4 D . -3.41 -11.55 -4.73
O3 SO4 D . -4.72 -10.90 -3.00
O4 SO4 D . -2.52 -11.76 -2.57
S SO4 E . -13.60 -13.26 14.78
O1 SO4 E . -14.63 -12.92 13.79
O2 SO4 E . -12.90 -12.13 15.29
O3 SO4 E . -14.06 -14.11 15.86
O4 SO4 E . -12.70 -14.08 13.98
S SO4 F . -9.60 7.35 8.34
O1 SO4 F . -10.05 8.63 8.92
O2 SO4 F . -8.17 7.56 8.04
O3 SO4 F . -9.78 6.23 9.29
O4 SO4 F . -10.45 7.01 7.15
#